data_2QR2
#
_entry.id   2QR2
#
_cell.length_a   83.600
_cell.length_b   106.270
_cell.length_c   56.080
_cell.angle_alpha   90.00
_cell.angle_beta   90.00
_cell.angle_gamma   90.00
#
_symmetry.space_group_name_H-M   'P 21 21 21'
#
loop_
_entity.id
_entity.type
_entity.pdbx_description
1 polymer 'PROTEIN (QUINONE REDUCTASE TYPE 2)'
2 non-polymer 'ZINC ION'
3 non-polymer 'FLAVIN-ADENINE DINUCLEOTIDE'
4 non-polymer MENADIONE
5 water water
#
_entity_poly.entity_id   1
_entity_poly.type   'polypeptide(L)'
_entity_poly.pdbx_seq_one_letter_code
;AGKKVLIVYAHQEPKSFNGSLKNVAVDELSRQGCTVTVSDLYAMNFEPRATDKDITGTLSNPEVFNYGVETHEAYKQRSL
ASDITDEQKKVREADLVIFQFPLYWFSVPAILKGWMDRVLCQGFAFDIPGFYDSGLLQGKLALLSVTTGGTAEMYTKTGV
NGDSRYFLWPLQHGTLHFCGFKVLAPQISFAPEIASEEERKGMVAAWSQRLQTIWKEEPIPCTAHWHFGQ
;
_entity_poly.pdbx_strand_id   A,B
#
loop_
_chem_comp.id
_chem_comp.type
_chem_comp.name
_chem_comp.formula
FAD non-polymer 'FLAVIN-ADENINE DINUCLEOTIDE' 'C27 H33 N9 O15 P2'
VK3 non-polymer MENADIONE 'C11 H8 O2'
ZN non-polymer 'ZINC ION' 'Zn 2'
#
# COMPACT_ATOMS: atom_id res chain seq x y z
N ALA A 1 27.33 -21.79 1.17
CA ALA A 1 26.63 -23.10 1.25
C ALA A 1 25.39 -22.92 2.12
N GLY A 2 24.36 -23.71 1.83
CA GLY A 2 23.10 -23.63 2.56
C GLY A 2 22.26 -22.47 2.06
N LYS A 3 21.04 -22.35 2.59
CA LYS A 3 20.13 -21.27 2.20
C LYS A 3 19.41 -20.66 3.40
N LYS A 4 19.21 -19.35 3.36
CA LYS A 4 18.54 -18.61 4.42
C LYS A 4 17.26 -18.01 3.87
N VAL A 5 16.16 -18.20 4.59
CA VAL A 5 14.86 -17.69 4.18
C VAL A 5 14.24 -16.81 5.27
N LEU A 6 13.75 -15.64 4.87
CA LEU A 6 13.09 -14.73 5.79
C LEU A 6 11.65 -14.67 5.35
N ILE A 7 10.74 -14.98 6.27
CA ILE A 7 9.32 -14.96 5.97
C ILE A 7 8.66 -13.78 6.70
N VAL A 8 8.33 -12.74 5.96
CA VAL A 8 7.68 -11.56 6.53
C VAL A 8 6.18 -11.86 6.53
N TYR A 9 5.69 -12.29 7.69
CA TYR A 9 4.29 -12.67 7.88
C TYR A 9 3.42 -11.51 8.38
N ALA A 10 2.24 -11.36 7.79
CA ALA A 10 1.34 -10.28 8.15
C ALA A 10 -0.11 -10.72 8.33
N HIS A 11 -0.44 -11.25 9.51
CA HIS A 11 -1.80 -11.67 9.79
C HIS A 11 -2.01 -11.77 11.30
N GLN A 12 -3.21 -11.39 11.74
CA GLN A 12 -3.60 -11.37 13.15
C GLN A 12 -3.90 -12.72 13.82
N GLU A 13 -4.54 -13.61 13.07
CA GLU A 13 -4.92 -14.92 13.60
C GLU A 13 -4.01 -16.07 13.18
N PRO A 14 -3.46 -16.81 14.16
CA PRO A 14 -2.58 -17.96 13.92
C PRO A 14 -3.32 -19.11 13.24
N LYS A 15 -4.62 -19.22 13.50
CA LYS A 15 -5.45 -20.28 12.91
C LYS A 15 -5.97 -19.95 11.52
N SER A 16 -5.53 -18.84 10.94
CA SER A 16 -6.01 -18.45 9.63
C SER A 16 -5.29 -19.17 8.48
N PHE A 17 -5.90 -19.15 7.31
CA PHE A 17 -5.31 -19.77 6.12
C PHE A 17 -3.91 -19.19 5.92
N ASN A 18 -3.75 -17.91 6.25
CA ASN A 18 -2.46 -17.26 6.12
C ASN A 18 -1.47 -17.85 7.12
N GLY A 19 -1.92 -18.05 8.35
CA GLY A 19 -1.06 -18.61 9.39
C GLY A 19 -0.61 -20.00 8.98
N SER A 20 -1.55 -20.77 8.43
CA SER A 20 -1.29 -22.13 7.98
C SER A 20 -0.24 -22.13 6.86
N LEU A 21 -0.40 -21.23 5.88
CA LEU A 21 0.52 -21.12 4.77
C LEU A 21 1.94 -20.77 5.24
N LYS A 22 2.03 -19.96 6.29
CA LYS A 22 3.30 -19.55 6.85
C LYS A 22 3.93 -20.71 7.60
N ASN A 23 3.11 -21.42 8.39
CA ASN A 23 3.54 -22.56 9.16
C ASN A 23 4.08 -23.65 8.25
N VAL A 24 3.36 -23.91 7.17
CA VAL A 24 3.74 -24.90 6.18
C VAL A 24 5.09 -24.55 5.56
N ALA A 25 5.27 -23.28 5.21
CA ALA A 25 6.52 -22.82 4.61
C ALA A 25 7.67 -23.10 5.56
N VAL A 26 7.46 -22.80 6.84
CA VAL A 26 8.48 -23.03 7.85
C VAL A 26 8.79 -24.51 7.89
N ASP A 27 7.75 -25.33 7.82
CA ASP A 27 7.88 -26.78 7.86
C ASP A 27 8.74 -27.35 6.74
N GLU A 28 8.31 -27.14 5.50
CA GLU A 28 9.03 -27.64 4.33
C GLU A 28 10.47 -27.14 4.25
N LEU A 29 10.63 -25.84 4.41
CA LEU A 29 11.95 -25.21 4.36
C LEU A 29 12.87 -25.71 5.47
N SER A 30 12.29 -25.93 6.66
CA SER A 30 13.06 -26.43 7.80
C SER A 30 13.44 -27.89 7.49
N ARG A 31 12.50 -28.62 6.91
CA ARG A 31 12.72 -30.02 6.54
C ARG A 31 13.86 -30.09 5.52
N GLN A 32 13.91 -29.13 4.61
CA GLN A 32 14.96 -29.07 3.60
C GLN A 32 16.30 -28.75 4.26
N GLY A 33 16.25 -28.34 5.53
CA GLY A 33 17.46 -27.99 6.24
C GLY A 33 17.86 -26.55 6.03
N CYS A 34 16.92 -25.73 5.59
CA CYS A 34 17.19 -24.32 5.37
C CYS A 34 17.16 -23.56 6.69
N THR A 35 17.80 -22.40 6.70
CA THR A 35 17.83 -21.54 7.87
C THR A 35 16.60 -20.64 7.68
N VAL A 36 15.62 -20.75 8.58
CA VAL A 36 14.39 -19.97 8.45
C VAL A 36 14.09 -19.00 9.60
N THR A 37 13.81 -17.76 9.24
CA THR A 37 13.48 -16.72 10.21
C THR A 37 12.11 -16.15 9.81
N VAL A 38 11.29 -15.82 10.80
CA VAL A 38 9.95 -15.29 10.53
C VAL A 38 9.69 -14.00 11.27
N SER A 39 9.22 -13.00 10.55
CA SER A 39 8.88 -11.71 11.14
C SER A 39 7.36 -11.62 11.20
N ASP A 40 6.80 -11.99 12.34
CA ASP A 40 5.37 -11.95 12.56
C ASP A 40 5.07 -10.52 12.97
N LEU A 41 4.89 -9.66 11.96
CA LEU A 41 4.63 -8.23 12.16
C LEU A 41 3.61 -7.87 13.23
N TYR A 42 2.42 -8.45 13.15
CA TYR A 42 1.39 -8.16 14.14
C TYR A 42 1.82 -8.53 15.56
N ALA A 43 2.44 -9.71 15.70
CA ALA A 43 2.91 -10.17 17.02
C ALA A 43 3.97 -9.20 17.54
N MET A 44 4.76 -8.67 16.63
CA MET A 44 5.81 -7.71 16.96
C MET A 44 5.21 -6.32 17.14
N ASN A 45 3.98 -6.15 16.65
CA ASN A 45 3.29 -4.86 16.71
C ASN A 45 4.19 -3.84 16.02
N PHE A 46 4.69 -4.24 14.85
CA PHE A 46 5.59 -3.43 14.05
C PHE A 46 5.03 -2.05 13.73
N GLU A 47 5.88 -1.04 13.87
CA GLU A 47 5.50 0.34 13.59
C GLU A 47 5.45 0.57 12.08
N PRO A 48 4.27 0.88 11.52
CA PRO A 48 4.15 1.12 10.08
C PRO A 48 4.42 2.59 9.72
N ARG A 49 4.29 3.48 10.70
CA ARG A 49 4.49 4.92 10.47
C ARG A 49 5.93 5.34 10.27
N ALA A 50 6.18 6.07 9.20
CA ALA A 50 7.50 6.57 8.89
C ALA A 50 7.62 7.95 9.53
N THR A 51 8.13 7.98 10.76
CA THR A 51 8.28 9.23 11.48
C THR A 51 9.73 9.53 11.81
N ASP A 52 9.97 10.66 12.47
CA ASP A 52 11.33 11.07 12.85
C ASP A 52 11.95 10.15 13.91
N LYS A 53 11.11 9.36 14.56
CA LYS A 53 11.56 8.43 15.59
C LYS A 53 12.42 7.33 15.01
N ASP A 54 12.38 7.19 13.68
CA ASP A 54 13.17 6.16 13.00
C ASP A 54 14.65 6.50 12.97
N ILE A 55 14.98 7.72 13.38
CA ILE A 55 16.35 8.19 13.42
C ILE A 55 16.72 8.50 14.86
N THR A 56 17.80 7.89 15.32
CA THR A 56 18.31 8.08 16.67
C THR A 56 19.50 9.03 16.59
N GLY A 57 19.42 10.17 17.27
CA GLY A 57 20.51 11.13 17.23
C GLY A 57 20.09 12.42 16.56
N THR A 58 21.06 13.22 16.16
CA THR A 58 20.79 14.50 15.52
C THR A 58 20.42 14.37 14.04
N LEU A 59 19.23 14.85 13.68
CA LEU A 59 18.75 14.80 12.32
C LEU A 59 19.62 15.70 11.44
N SER A 60 19.87 15.26 10.21
CA SER A 60 20.68 16.04 9.27
C SER A 60 20.15 17.46 9.12
N ASN A 61 18.84 17.63 9.33
CA ASN A 61 18.19 18.92 9.24
C ASN A 61 16.90 18.88 10.05
N PRO A 62 16.99 19.21 11.35
CA PRO A 62 15.83 19.21 12.25
C PRO A 62 14.87 20.39 12.03
N GLU A 63 15.21 21.25 11.06
CA GLU A 63 14.37 22.40 10.74
C GLU A 63 13.26 21.95 9.81
N VAL A 64 13.63 21.12 8.83
CA VAL A 64 12.70 20.59 7.86
C VAL A 64 12.97 19.10 7.79
N PHE A 65 12.00 18.31 8.23
CA PHE A 65 12.14 16.86 8.23
C PHE A 65 11.80 16.20 6.91
N ASN A 66 12.80 15.59 6.28
CA ASN A 66 12.64 14.88 5.02
C ASN A 66 12.96 13.43 5.34
N TYR A 67 11.94 12.58 5.37
CA TYR A 67 12.13 11.18 5.72
C TYR A 67 13.24 10.48 4.93
N GLY A 68 13.08 10.38 3.61
CA GLY A 68 14.05 9.73 2.77
C GLY A 68 15.49 10.19 2.98
N VAL A 69 15.67 11.48 3.20
CA VAL A 69 17.01 12.03 3.42
C VAL A 69 17.51 11.65 4.81
N GLU A 70 16.66 11.84 5.81
CA GLU A 70 17.02 11.53 7.19
C GLU A 70 17.38 10.07 7.36
N THR A 71 16.58 9.18 6.79
CA THR A 71 16.83 7.75 6.89
C THR A 71 18.09 7.35 6.16
N HIS A 72 18.23 7.76 4.91
CA HIS A 72 19.43 7.44 4.13
C HIS A 72 20.67 7.85 4.93
N GLU A 73 20.62 9.04 5.52
CA GLU A 73 21.73 9.54 6.32
C GLU A 73 21.90 8.67 7.55
N ALA A 74 20.78 8.33 8.20
CA ALA A 74 20.78 7.51 9.39
C ALA A 74 21.30 6.10 9.13
N TYR A 75 21.07 5.59 7.93
CA TYR A 75 21.55 4.25 7.60
C TYR A 75 23.07 4.29 7.59
N LYS A 76 23.63 5.17 6.76
CA LYS A 76 25.06 5.33 6.65
C LYS A 76 25.68 5.72 7.99
N GLN A 77 24.90 6.44 8.80
CA GLN A 77 25.32 6.89 10.13
C GLN A 77 25.11 5.87 11.22
N ARG A 78 24.45 4.76 10.89
CA ARG A 78 24.14 3.70 11.86
C ARG A 78 23.27 4.29 12.98
N SER A 79 22.43 5.25 12.59
CA SER A 79 21.54 5.95 13.51
C SER A 79 20.06 5.65 13.24
N LEU A 80 19.77 4.45 12.75
CA LEU A 80 18.38 4.05 12.49
C LEU A 80 17.80 3.31 13.68
N ALA A 81 16.49 3.34 13.83
CA ALA A 81 15.82 2.67 14.93
C ALA A 81 16.15 1.18 14.86
N SER A 82 16.37 0.57 16.03
CA SER A 82 16.71 -0.84 16.13
C SER A 82 15.73 -1.76 15.41
N ASP A 83 14.45 -1.50 15.57
CA ASP A 83 13.42 -2.33 14.93
C ASP A 83 13.60 -2.38 13.41
N ILE A 84 14.13 -1.31 12.84
CA ILE A 84 14.37 -1.23 11.40
C ILE A 84 15.63 -2.02 11.06
N THR A 85 16.72 -1.75 11.78
CA THR A 85 17.98 -2.43 11.52
C THR A 85 17.87 -3.94 11.70
N ASP A 86 17.10 -4.38 12.69
CA ASP A 86 16.91 -5.79 12.95
C ASP A 86 16.40 -6.46 11.68
N GLU A 87 15.36 -5.87 11.10
CA GLU A 87 14.76 -6.40 9.87
C GLU A 87 15.76 -6.35 8.73
N GLN A 88 16.63 -5.34 8.75
CA GLN A 88 17.64 -5.19 7.71
C GLN A 88 18.71 -6.28 7.81
N LYS A 89 19.01 -6.70 9.04
CA LYS A 89 19.99 -7.74 9.28
C LYS A 89 19.43 -9.04 8.70
N LYS A 90 18.14 -9.30 8.96
CA LYS A 90 17.48 -10.50 8.46
C LYS A 90 17.48 -10.51 6.94
N VAL A 91 17.09 -9.39 6.33
CA VAL A 91 17.02 -9.29 4.87
C VAL A 91 18.40 -9.49 4.24
N ARG A 92 19.39 -8.81 4.81
CA ARG A 92 20.76 -8.89 4.31
C ARG A 92 21.29 -10.33 4.34
N GLU A 93 20.91 -11.08 5.36
CA GLU A 93 21.35 -12.46 5.49
C GLU A 93 20.54 -13.46 4.67
N ALA A 94 19.28 -13.12 4.41
CA ALA A 94 18.41 -14.00 3.65
C ALA A 94 18.82 -14.17 2.19
N ASP A 95 18.35 -15.25 1.59
CA ASP A 95 18.61 -15.58 0.19
C ASP A 95 17.27 -15.57 -0.51
N LEU A 96 16.22 -15.82 0.27
CA LEU A 96 14.85 -15.84 -0.19
C LEU A 96 14.01 -15.12 0.84
N VAL A 97 13.20 -14.16 0.39
CA VAL A 97 12.30 -13.42 1.28
C VAL A 97 10.88 -13.70 0.80
N ILE A 98 10.10 -14.35 1.66
CA ILE A 98 8.71 -14.67 1.34
C ILE A 98 7.80 -13.74 2.13
N PHE A 99 6.79 -13.20 1.45
CA PHE A 99 5.84 -12.31 2.10
C PHE A 99 4.49 -13.02 2.13
N GLN A 100 3.99 -13.28 3.34
CA GLN A 100 2.72 -13.95 3.52
C GLN A 100 1.72 -12.90 4.01
N PHE A 101 0.74 -12.59 3.17
CA PHE A 101 -0.26 -11.59 3.52
C PHE A 101 -1.55 -11.73 2.74
N PRO A 102 -2.68 -11.31 3.34
CA PRO A 102 -3.98 -11.37 2.70
C PRO A 102 -4.03 -10.11 1.85
N LEU A 103 -4.83 -10.10 0.78
CA LEU A 103 -4.90 -8.92 -0.07
C LEU A 103 -5.76 -7.84 0.58
N TYR A 104 -5.17 -6.67 0.79
CA TYR A 104 -5.87 -5.54 1.38
C TYR A 104 -5.88 -4.40 0.36
N TRP A 105 -7.04 -4.14 -0.24
CA TRP A 105 -7.18 -3.08 -1.24
C TRP A 105 -6.18 -3.16 -2.39
N PHE A 106 -6.12 -4.32 -3.04
CA PHE A 106 -5.21 -4.59 -4.16
C PHE A 106 -3.75 -4.40 -3.78
N SER A 107 -3.46 -4.44 -2.48
CA SER A 107 -2.10 -4.25 -2.00
C SER A 107 -1.90 -5.00 -0.69
N VAL A 108 -0.81 -4.68 0.00
CA VAL A 108 -0.46 -5.32 1.26
C VAL A 108 -1.04 -4.56 2.45
N PRO A 109 -1.34 -5.28 3.55
CA PRO A 109 -1.89 -4.65 4.74
C PRO A 109 -0.97 -3.51 5.19
N ALA A 110 -1.55 -2.46 5.76
CA ALA A 110 -0.78 -1.30 6.21
C ALA A 110 0.46 -1.61 7.03
N ILE A 111 0.37 -2.62 7.91
CA ILE A 111 1.50 -3.01 8.75
C ILE A 111 2.67 -3.51 7.89
N LEU A 112 2.34 -4.22 6.81
CA LEU A 112 3.35 -4.74 5.91
C LEU A 112 3.89 -3.61 5.04
N LYS A 113 3.01 -2.71 4.60
CA LYS A 113 3.40 -1.56 3.78
C LYS A 113 4.45 -0.77 4.56
N GLY A 114 4.24 -0.66 5.88
CA GLY A 114 5.17 0.06 6.73
C GLY A 114 6.52 -0.61 6.76
N TRP A 115 6.54 -1.94 6.72
CA TRP A 115 7.78 -2.70 6.72
C TRP A 115 8.58 -2.33 5.47
N MET A 116 7.88 -2.28 4.34
CA MET A 116 8.51 -1.93 3.07
C MET A 116 8.95 -0.47 3.05
N ASP A 117 8.17 0.41 3.68
CA ASP A 117 8.48 1.84 3.73
C ASP A 117 9.66 2.19 4.62
N ARG A 118 9.74 1.54 5.77
CA ARG A 118 10.79 1.83 6.74
C ARG A 118 12.06 1.00 6.65
N VAL A 119 11.92 -0.28 6.34
CA VAL A 119 13.06 -1.18 6.25
C VAL A 119 13.88 -1.03 4.96
N LEU A 120 13.19 -0.99 3.83
CA LEU A 120 13.85 -0.86 2.54
C LEU A 120 14.21 0.61 2.28
N CYS A 121 15.05 1.17 3.14
CA CYS A 121 15.47 2.56 3.03
C CYS A 121 16.63 2.74 2.06
N GLN A 122 16.84 3.97 1.60
CA GLN A 122 17.92 4.28 0.68
C GLN A 122 19.24 4.08 1.41
N GLY A 123 20.18 3.43 0.73
CA GLY A 123 21.46 3.15 1.32
C GLY A 123 21.51 1.66 1.58
N PHE A 124 20.36 1.09 1.92
CA PHE A 124 20.25 -0.34 2.19
C PHE A 124 19.64 -1.08 1.00
N ALA A 125 18.40 -0.72 0.66
CA ALA A 125 17.69 -1.38 -0.42
C ALA A 125 17.98 -0.82 -1.81
N PHE A 126 18.27 0.48 -1.88
CA PHE A 126 18.53 1.13 -3.17
C PHE A 126 19.34 2.39 -2.96
N ASP A 127 19.77 2.99 -4.06
CA ASP A 127 20.55 4.22 -4.01
C ASP A 127 20.58 4.82 -5.41
N ILE A 128 20.78 6.13 -5.49
CA ILE A 128 20.85 6.82 -6.78
C ILE A 128 21.61 6.03 -7.85
N PRO A 129 22.76 5.43 -7.50
CA PRO A 129 23.48 4.66 -8.51
C PRO A 129 22.80 3.33 -8.86
N GLY A 130 22.28 2.66 -7.84
CA GLY A 130 21.66 1.37 -8.08
C GLY A 130 20.22 1.13 -7.67
N PHE A 131 19.42 0.75 -8.66
CA PHE A 131 18.02 0.43 -8.47
C PHE A 131 17.60 -0.51 -9.60
N TYR A 132 16.45 -1.15 -9.46
CA TYR A 132 15.96 -2.11 -10.44
C TYR A 132 17.01 -3.21 -10.64
N ASP A 133 17.51 -3.38 -11.86
CA ASP A 133 18.51 -4.43 -12.12
C ASP A 133 19.82 -4.21 -11.37
N SER A 134 20.05 -2.99 -10.92
CA SER A 134 21.27 -2.67 -10.18
C SER A 134 20.94 -2.36 -8.72
N GLY A 135 19.77 -2.78 -8.28
CA GLY A 135 19.34 -2.53 -6.90
C GLY A 135 20.33 -3.11 -5.90
N LEU A 136 20.44 -2.49 -4.74
CA LEU A 136 21.37 -2.95 -3.72
C LEU A 136 21.14 -4.38 -3.24
N LEU A 137 19.88 -4.78 -3.16
CA LEU A 137 19.54 -6.13 -2.71
C LEU A 137 19.49 -7.12 -3.88
N GLN A 138 20.32 -6.88 -4.89
CA GLN A 138 20.37 -7.73 -6.07
C GLN A 138 20.93 -9.13 -5.78
N GLY A 139 20.35 -10.13 -6.42
CA GLY A 139 20.80 -11.50 -6.23
C GLY A 139 19.84 -12.25 -5.34
N LYS A 140 19.22 -11.55 -4.40
CA LYS A 140 18.26 -12.16 -3.49
C LYS A 140 16.98 -12.50 -4.24
N LEU A 141 16.26 -13.49 -3.75
CA LEU A 141 15.00 -13.89 -4.35
C LEU A 141 13.90 -13.25 -3.54
N ALA A 142 12.72 -13.13 -4.14
CA ALA A 142 11.55 -12.55 -3.47
C ALA A 142 10.31 -13.24 -3.99
N LEU A 143 9.35 -13.49 -3.11
CA LEU A 143 8.12 -14.15 -3.50
C LEU A 143 6.96 -13.58 -2.68
N LEU A 144 5.84 -13.36 -3.34
CA LEU A 144 4.65 -12.86 -2.67
C LEU A 144 3.62 -13.97 -2.56
N SER A 145 3.31 -14.35 -1.33
CA SER A 145 2.32 -15.38 -1.06
C SER A 145 1.12 -14.60 -0.53
N VAL A 146 0.14 -14.38 -1.41
CA VAL A 146 -1.04 -13.62 -1.08
C VAL A 146 -2.34 -14.40 -1.21
N THR A 147 -3.24 -14.16 -0.27
CA THR A 147 -4.55 -14.80 -0.30
C THR A 147 -5.53 -13.70 -0.70
N THR A 148 -6.56 -14.06 -1.46
CA THR A 148 -7.54 -13.07 -1.90
C THR A 148 -8.95 -13.39 -1.45
N GLY A 149 -9.81 -12.38 -1.48
CA GLY A 149 -11.20 -12.57 -1.11
C GLY A 149 -11.97 -12.94 -2.36
N GLY A 150 -11.57 -12.34 -3.48
CA GLY A 150 -12.22 -12.60 -4.75
C GLY A 150 -11.70 -13.86 -5.39
N THR A 151 -12.55 -14.50 -6.19
CA THR A 151 -12.19 -15.73 -6.87
C THR A 151 -11.27 -15.47 -8.06
N ALA A 152 -10.69 -16.54 -8.59
CA ALA A 152 -9.77 -16.44 -9.72
C ALA A 152 -10.40 -15.77 -10.94
N GLU A 153 -11.64 -16.13 -11.25
CA GLU A 153 -12.34 -15.57 -12.39
C GLU A 153 -12.51 -14.06 -12.24
N MET A 154 -12.69 -13.60 -11.01
CA MET A 154 -12.83 -12.16 -10.74
C MET A 154 -11.53 -11.44 -11.08
N TYR A 155 -10.43 -12.18 -11.03
CA TYR A 155 -9.11 -11.64 -11.32
C TYR A 155 -8.57 -11.93 -12.72
N THR A 156 -9.45 -11.95 -13.70
CA THR A 156 -9.06 -12.18 -15.09
C THR A 156 -9.08 -10.83 -15.78
N LYS A 157 -8.42 -10.71 -16.93
CA LYS A 157 -8.36 -9.45 -17.67
C LYS A 157 -9.73 -8.85 -17.97
N THR A 158 -10.75 -9.70 -18.06
CA THR A 158 -12.11 -9.24 -18.33
C THR A 158 -13.01 -9.36 -17.10
N GLY A 159 -12.39 -9.55 -15.94
CA GLY A 159 -13.14 -9.67 -14.70
C GLY A 159 -13.30 -8.34 -13.99
N VAL A 160 -14.16 -8.31 -12.98
CA VAL A 160 -14.42 -7.08 -12.22
C VAL A 160 -13.16 -6.47 -11.61
N ASN A 161 -12.32 -7.33 -11.02
CA ASN A 161 -11.10 -6.87 -10.39
C ASN A 161 -9.93 -6.78 -11.36
N GLY A 162 -10.13 -7.29 -12.57
CA GLY A 162 -9.07 -7.27 -13.57
C GLY A 162 -8.02 -8.33 -13.32
N ASP A 163 -7.06 -8.45 -14.23
CA ASP A 163 -5.98 -9.43 -14.12
C ASP A 163 -5.15 -9.22 -12.85
N SER A 164 -4.87 -10.31 -12.15
CA SER A 164 -4.08 -10.25 -10.92
C SER A 164 -2.71 -9.59 -11.11
N ARG A 165 -2.12 -9.75 -12.29
CA ARG A 165 -0.81 -9.15 -12.57
C ARG A 165 -0.84 -7.63 -12.53
N TYR A 166 -2.04 -7.05 -12.53
CA TYR A 166 -2.21 -5.61 -12.49
C TYR A 166 -1.87 -5.03 -11.12
N PHE A 167 -2.43 -5.59 -10.06
CA PHE A 167 -2.15 -5.09 -8.72
C PHE A 167 -0.75 -5.47 -8.25
N LEU A 168 -0.16 -6.46 -8.90
CA LEU A 168 1.18 -6.93 -8.55
C LEU A 168 2.28 -5.98 -9.00
N TRP A 169 2.00 -5.13 -10.00
CA TRP A 169 2.98 -4.20 -10.52
C TRP A 169 3.71 -3.36 -9.46
N PRO A 170 2.96 -2.59 -8.64
CA PRO A 170 3.62 -1.78 -7.61
C PRO A 170 4.47 -2.57 -6.63
N LEU A 171 4.04 -3.79 -6.31
CA LEU A 171 4.77 -4.66 -5.39
C LEU A 171 5.98 -5.32 -6.04
N GLN A 172 5.74 -6.10 -7.08
CA GLN A 172 6.79 -6.81 -7.80
C GLN A 172 7.79 -5.91 -8.52
N HIS A 173 7.30 -4.96 -9.30
CA HIS A 173 8.20 -4.08 -10.04
C HIS A 173 8.60 -2.85 -9.25
N GLY A 174 7.62 -2.12 -8.75
CA GLY A 174 7.88 -0.91 -8.01
C GLY A 174 8.69 -1.05 -6.73
N THR A 175 8.49 -2.15 -6.01
CA THR A 175 9.21 -2.37 -4.77
C THR A 175 10.34 -3.41 -4.87
N LEU A 176 9.99 -4.67 -5.06
CA LEU A 176 10.98 -5.75 -5.14
C LEU A 176 12.05 -5.57 -6.21
N HIS A 177 11.62 -5.50 -7.46
CA HIS A 177 12.55 -5.32 -8.57
C HIS A 177 13.35 -4.04 -8.38
N PHE A 178 12.73 -3.02 -7.81
CA PHE A 178 13.41 -1.76 -7.60
C PHE A 178 14.60 -1.94 -6.67
N CYS A 179 14.47 -2.82 -5.70
CA CYS A 179 15.56 -3.08 -4.76
C CYS A 179 16.59 -4.07 -5.28
N GLY A 180 16.30 -4.67 -6.43
CA GLY A 180 17.23 -5.62 -7.03
C GLY A 180 16.85 -7.08 -6.85
N PHE A 181 15.75 -7.33 -6.16
CA PHE A 181 15.27 -8.69 -5.93
C PHE A 181 14.96 -9.42 -7.21
N LYS A 182 15.06 -10.75 -7.16
CA LYS A 182 14.72 -11.61 -8.28
C LYS A 182 13.34 -12.10 -7.88
N VAL A 183 12.31 -11.62 -8.56
CA VAL A 183 10.95 -12.00 -8.23
C VAL A 183 10.55 -13.33 -8.82
N LEU A 184 10.08 -14.23 -7.97
CA LEU A 184 9.61 -15.52 -8.41
C LEU A 184 8.12 -15.36 -8.63
N ALA A 185 7.54 -16.21 -9.47
CA ALA A 185 6.10 -16.16 -9.74
C ALA A 185 5.38 -16.11 -8.41
N PRO A 186 4.41 -15.20 -8.27
CA PRO A 186 3.70 -15.13 -6.99
C PRO A 186 2.86 -16.37 -6.75
N GLN A 187 2.43 -16.54 -5.50
CA GLN A 187 1.59 -17.65 -5.11
C GLN A 187 0.30 -16.98 -4.64
N ILE A 188 -0.79 -17.19 -5.36
CA ILE A 188 -2.04 -16.56 -4.99
C ILE A 188 -3.14 -17.58 -4.68
N SER A 189 -3.42 -17.75 -3.39
CA SER A 189 -4.45 -18.68 -2.94
C SER A 189 -5.79 -17.94 -2.98
N PHE A 190 -6.42 -17.95 -4.14
CA PHE A 190 -7.69 -17.29 -4.36
C PHE A 190 -8.81 -17.72 -3.43
N ALA A 191 -9.62 -16.74 -3.03
CA ALA A 191 -10.77 -16.92 -2.14
C ALA A 191 -10.81 -18.19 -1.26
N PRO A 192 -9.86 -18.33 -0.32
CA PRO A 192 -9.84 -19.50 0.54
C PRO A 192 -11.12 -19.61 1.41
N GLU A 193 -11.57 -18.48 1.93
CA GLU A 193 -12.77 -18.42 2.78
C GLU A 193 -13.99 -19.02 2.08
N ILE A 194 -14.04 -18.86 0.77
CA ILE A 194 -15.13 -19.34 -0.06
C ILE A 194 -14.93 -20.82 -0.41
N ALA A 195 -13.67 -21.23 -0.57
CA ALA A 195 -13.33 -22.61 -0.92
C ALA A 195 -13.71 -23.63 0.13
N SER A 196 -13.82 -24.89 -0.32
CA SER A 196 -14.18 -26.00 0.56
C SER A 196 -12.92 -26.49 1.25
N GLU A 197 -13.09 -27.23 2.35
CA GLU A 197 -11.97 -27.76 3.11
C GLU A 197 -11.03 -28.52 2.17
N GLU A 198 -11.63 -29.21 1.19
CA GLU A 198 -10.87 -29.96 0.20
C GLU A 198 -10.02 -29.02 -0.64
N GLU A 199 -10.67 -28.04 -1.25
CA GLU A 199 -9.99 -27.07 -2.09
C GLU A 199 -8.87 -26.35 -1.35
N ARG A 200 -9.14 -25.92 -0.12
CA ARG A 200 -8.15 -25.23 0.70
C ARG A 200 -6.92 -26.09 0.92
N LYS A 201 -7.15 -27.35 1.31
CA LYS A 201 -6.05 -28.26 1.54
C LYS A 201 -5.20 -28.34 0.27
N GLY A 202 -5.88 -28.35 -0.88
CA GLY A 202 -5.17 -28.41 -2.15
C GLY A 202 -4.30 -27.18 -2.34
N MET A 203 -4.76 -26.05 -1.85
CA MET A 203 -4.03 -24.79 -1.96
C MET A 203 -2.80 -24.83 -1.07
N VAL A 204 -2.99 -25.27 0.17
CA VAL A 204 -1.90 -25.37 1.13
C VAL A 204 -0.87 -26.38 0.62
N ALA A 205 -1.35 -27.54 0.19
CA ALA A 205 -0.50 -28.60 -0.31
C ALA A 205 0.30 -28.14 -1.51
N ALA A 206 -0.33 -27.38 -2.39
CA ALA A 206 0.36 -26.88 -3.57
C ALA A 206 1.48 -25.94 -3.15
N TRP A 207 1.26 -25.24 -2.04
CA TRP A 207 2.24 -24.31 -1.49
C TRP A 207 3.50 -25.06 -1.04
N SER A 208 3.33 -26.05 -0.16
CA SER A 208 4.46 -26.84 0.33
C SER A 208 5.15 -27.56 -0.82
N GLN A 209 4.35 -28.22 -1.66
CA GLN A 209 4.88 -28.96 -2.80
C GLN A 209 5.72 -28.05 -3.68
N ARG A 210 5.25 -26.83 -3.91
CA ARG A 210 6.02 -25.88 -4.72
C ARG A 210 7.34 -25.58 -4.03
N LEU A 211 7.28 -25.41 -2.71
CA LEU A 211 8.47 -25.09 -1.93
C LEU A 211 9.59 -26.12 -2.07
N GLN A 212 9.24 -27.35 -2.41
CA GLN A 212 10.22 -28.41 -2.58
C GLN A 212 11.21 -28.12 -3.69
N THR A 213 10.76 -27.40 -4.72
CA THR A 213 11.62 -27.08 -5.84
C THR A 213 11.86 -25.59 -6.08
N ILE A 214 11.53 -24.76 -5.09
CA ILE A 214 11.70 -23.32 -5.21
C ILE A 214 13.09 -22.89 -5.65
N TRP A 215 14.11 -23.59 -5.16
CA TRP A 215 15.49 -23.26 -5.49
C TRP A 215 15.86 -23.51 -6.95
N LYS A 216 15.02 -24.28 -7.64
CA LYS A 216 15.25 -24.58 -9.05
C LYS A 216 14.39 -23.67 -9.94
N GLU A 217 13.65 -22.76 -9.31
CA GLU A 217 12.79 -21.84 -10.04
C GLU A 217 13.50 -20.70 -10.75
N GLU A 218 12.92 -20.29 -11.87
CA GLU A 218 13.46 -19.18 -12.67
C GLU A 218 12.69 -17.91 -12.34
N PRO A 219 13.41 -16.80 -12.09
CA PRO A 219 12.79 -15.51 -11.77
C PRO A 219 11.99 -15.01 -12.98
N ILE A 220 10.78 -14.53 -12.73
CA ILE A 220 9.92 -14.03 -13.80
C ILE A 220 10.51 -12.77 -14.44
N PRO A 221 10.24 -12.56 -15.74
CA PRO A 221 10.76 -11.37 -16.43
C PRO A 221 9.91 -10.20 -15.97
N CYS A 222 10.29 -9.59 -14.84
CA CYS A 222 9.54 -8.49 -14.27
C CYS A 222 9.52 -7.24 -15.15
N THR A 223 8.70 -7.31 -16.20
CA THR A 223 8.56 -6.20 -17.14
C THR A 223 7.11 -5.74 -17.16
N ALA A 224 6.87 -4.59 -17.78
CA ALA A 224 5.52 -4.06 -17.90
C ALA A 224 4.73 -5.02 -18.76
N HIS A 225 5.39 -5.58 -19.78
CA HIS A 225 4.76 -6.52 -20.68
C HIS A 225 4.24 -7.74 -19.93
N TRP A 226 5.04 -8.25 -18.99
CA TRP A 226 4.66 -9.41 -18.20
C TRP A 226 3.37 -9.15 -17.42
N HIS A 227 3.27 -7.97 -16.83
CA HIS A 227 2.10 -7.61 -16.03
C HIS A 227 0.87 -7.18 -16.82
N PHE A 228 1.07 -6.49 -17.94
CA PHE A 228 -0.05 -5.98 -18.73
C PHE A 228 -0.15 -6.56 -20.14
N GLY A 229 0.99 -6.68 -20.82
CA GLY A 229 1.00 -7.18 -22.18
C GLY A 229 0.71 -8.66 -22.36
N GLN A 230 0.74 -9.10 -23.61
CA GLN A 230 0.49 -10.50 -23.97
C GLN A 230 1.73 -11.02 -24.68
N ALA B 1 -26.73 25.82 -2.01
CA ALA B 1 -26.02 24.85 -1.13
C ALA B 1 -24.56 24.76 -1.55
N GLY B 2 -23.70 24.48 -0.59
CA GLY B 2 -22.28 24.38 -0.88
C GLY B 2 -21.83 22.93 -0.92
N LYS B 3 -20.52 22.74 -0.87
CA LYS B 3 -19.93 21.42 -0.91
C LYS B 3 -19.01 21.21 0.28
N LYS B 4 -18.94 19.97 0.75
CA LYS B 4 -18.07 19.61 1.86
C LYS B 4 -16.89 18.86 1.27
N VAL B 5 -15.68 19.15 1.76
CA VAL B 5 -14.48 18.51 1.27
C VAL B 5 -13.64 17.98 2.41
N LEU B 6 -13.15 16.76 2.24
CA LEU B 6 -12.29 16.11 3.23
C LEU B 6 -10.94 15.88 2.57
N ILE B 7 -9.88 16.43 3.17
CA ILE B 7 -8.54 16.26 2.65
C ILE B 7 -7.76 15.36 3.61
N VAL B 8 -7.51 14.13 3.20
CA VAL B 8 -6.74 13.18 4.00
C VAL B 8 -5.29 13.49 3.67
N TYR B 9 -4.61 14.13 4.60
CA TYR B 9 -3.23 14.57 4.43
C TYR B 9 -2.25 13.61 5.11
N ALA B 10 -1.26 13.15 4.33
CA ALA B 10 -0.27 12.22 4.83
C ALA B 10 1.17 12.64 4.57
N HIS B 11 1.71 13.48 5.45
CA HIS B 11 3.09 13.93 5.35
C HIS B 11 3.52 14.45 6.71
N GLN B 12 4.79 14.22 7.04
CA GLN B 12 5.34 14.62 8.33
C GLN B 12 5.70 16.08 8.44
N GLU B 13 6.37 16.61 7.42
CA GLU B 13 6.78 18.01 7.46
C GLU B 13 5.77 19.00 6.88
N PRO B 14 5.28 19.94 7.71
CA PRO B 14 4.32 20.96 7.33
C PRO B 14 4.89 21.92 6.27
N LYS B 15 6.21 22.11 6.29
CA LYS B 15 6.87 22.99 5.33
C LYS B 15 7.23 22.25 4.04
N SER B 16 6.62 21.09 3.81
CA SER B 16 6.92 20.32 2.62
C SER B 16 6.05 20.71 1.44
N PHE B 17 6.43 20.22 0.26
CA PHE B 17 5.68 20.48 -0.96
C PHE B 17 4.27 19.90 -0.81
N ASN B 18 4.15 18.84 -0.02
CA ASN B 18 2.85 18.22 0.22
C ASN B 18 2.03 19.10 1.13
N GLY B 19 2.68 19.64 2.17
CA GLY B 19 2.00 20.51 3.11
C GLY B 19 1.47 21.73 2.39
N SER B 20 2.29 22.26 1.48
CA SER B 20 1.90 23.43 0.70
C SER B 20 0.72 23.10 -0.21
N LEU B 21 0.81 21.99 -0.93
CA LEU B 21 -0.28 21.59 -1.82
C LEU B 21 -1.56 21.36 -1.03
N LYS B 22 -1.43 21.09 0.26
CA LYS B 22 -2.58 20.87 1.11
C LYS B 22 -3.12 22.23 1.55
N ASN B 23 -2.23 23.09 2.02
CA ASN B 23 -2.60 24.43 2.46
C ASN B 23 -3.28 25.15 1.31
N VAL B 24 -2.76 24.94 0.11
CA VAL B 24 -3.30 25.54 -1.10
C VAL B 24 -4.74 25.10 -1.35
N ALA B 25 -4.99 23.80 -1.23
CA ALA B 25 -6.33 23.26 -1.44
C ALA B 25 -7.28 23.82 -0.39
N VAL B 26 -6.79 23.97 0.83
CA VAL B 26 -7.59 24.51 1.93
C VAL B 26 -7.91 25.99 1.68
N ASP B 27 -6.89 26.76 1.30
CA ASP B 27 -7.06 28.19 1.04
C ASP B 27 -8.06 28.41 -0.09
N GLU B 28 -7.83 27.73 -1.22
CA GLU B 28 -8.68 27.84 -2.38
C GLU B 28 -10.12 27.41 -2.15
N LEU B 29 -10.31 26.19 -1.66
CA LEU B 29 -11.65 25.68 -1.42
C LEU B 29 -12.39 26.52 -0.38
N SER B 30 -11.67 26.97 0.64
CA SER B 30 -12.27 27.81 1.68
C SER B 30 -12.69 29.13 1.04
N ARG B 31 -11.83 29.66 0.17
CA ARG B 31 -12.10 30.90 -0.54
C ARG B 31 -13.40 30.75 -1.33
N GLN B 32 -13.59 29.59 -1.93
CA GLN B 32 -14.80 29.31 -2.70
C GLN B 32 -16.03 29.23 -1.82
N GLY B 33 -15.82 29.18 -0.50
CA GLY B 33 -16.94 29.10 0.42
C GLY B 33 -17.34 27.67 0.72
N CYS B 34 -16.43 26.73 0.41
CA CYS B 34 -16.66 25.30 0.65
C CYS B 34 -16.31 24.96 2.08
N THR B 35 -16.99 23.95 2.62
CA THR B 35 -16.73 23.47 3.95
C THR B 35 -15.54 22.52 3.81
N VAL B 36 -14.44 22.80 4.50
CA VAL B 36 -13.25 21.97 4.39
C VAL B 36 -12.86 21.33 5.71
N THR B 37 -12.40 20.08 5.63
CA THR B 37 -11.95 19.32 6.80
C THR B 37 -10.66 18.63 6.36
N VAL B 38 -9.67 18.63 7.25
CA VAL B 38 -8.38 18.01 6.95
C VAL B 38 -8.00 16.99 8.00
N SER B 39 -7.57 15.82 7.54
CA SER B 39 -7.12 14.75 8.43
C SER B 39 -5.61 14.65 8.29
N ASP B 40 -4.88 15.32 9.17
CA ASP B 40 -3.43 15.29 9.16
C ASP B 40 -3.03 14.02 9.90
N LEU B 41 -3.08 12.89 9.19
CA LEU B 41 -2.77 11.58 9.75
C LEU B 41 -1.56 11.49 10.68
N TYR B 42 -0.42 12.00 10.25
CA TYR B 42 0.78 11.97 11.07
C TYR B 42 0.59 12.79 12.35
N ALA B 43 -0.02 13.96 12.22
CA ALA B 43 -0.25 14.83 13.38
C ALA B 43 -1.21 14.17 14.35
N MET B 44 -2.14 13.39 13.81
CA MET B 44 -3.11 12.67 14.62
C MET B 44 -2.50 11.38 15.14
N ASN B 45 -1.41 10.95 14.49
CA ASN B 45 -0.74 9.71 14.82
C ASN B 45 -1.77 8.60 14.64
N PHE B 46 -2.37 8.57 13.45
CA PHE B 46 -3.40 7.59 13.09
C PHE B 46 -2.87 6.15 13.11
N GLU B 47 -3.65 5.25 13.71
CA GLU B 47 -3.29 3.84 13.80
C GLU B 47 -3.44 3.16 12.45
N PRO B 48 -2.33 2.72 11.83
CA PRO B 48 -2.41 2.06 10.53
C PRO B 48 -2.75 0.58 10.64
N ARG B 49 -2.36 -0.03 11.76
CA ARG B 49 -2.56 -1.46 11.99
C ARG B 49 -4.01 -1.87 12.18
N ALA B 50 -4.41 -2.93 11.50
CA ALA B 50 -5.75 -3.46 11.59
C ALA B 50 -5.72 -4.60 12.62
N THR B 51 -6.20 -4.33 13.84
CA THR B 51 -6.20 -5.37 14.88
C THR B 51 -7.58 -5.53 15.52
N ASP B 52 -7.66 -6.41 16.52
CA ASP B 52 -8.91 -6.66 17.22
C ASP B 52 -9.30 -5.50 18.13
N LYS B 53 -8.38 -4.55 18.29
CA LYS B 53 -8.63 -3.39 19.13
C LYS B 53 -9.59 -2.43 18.43
N ASP B 54 -9.88 -2.69 17.16
CA ASP B 54 -10.79 -1.86 16.40
C ASP B 54 -12.25 -2.19 16.68
N ILE B 55 -12.47 -3.26 17.43
CA ILE B 55 -13.82 -3.67 17.81
C ILE B 55 -13.90 -3.51 19.32
N THR B 56 -15.01 -2.97 19.80
CA THR B 56 -15.19 -2.75 21.23
C THR B 56 -16.22 -3.68 21.84
N GLY B 57 -16.93 -4.43 21.02
CA GLY B 57 -17.92 -5.34 21.55
C GLY B 57 -17.45 -6.78 21.58
N THR B 58 -18.36 -7.70 21.89
CA THR B 58 -18.05 -9.12 21.94
C THR B 58 -17.78 -9.57 20.50
N LEU B 59 -16.64 -10.20 20.28
CA LEU B 59 -16.28 -10.68 18.94
C LEU B 59 -17.26 -11.73 18.47
N SER B 60 -17.59 -11.70 17.18
CA SER B 60 -18.49 -12.66 16.57
C SER B 60 -17.93 -14.06 16.77
N ASN B 61 -16.66 -14.23 16.41
CA ASN B 61 -15.97 -15.50 16.54
C ASN B 61 -14.62 -15.24 17.20
N PRO B 62 -14.59 -15.23 18.54
CA PRO B 62 -13.39 -14.98 19.31
C PRO B 62 -12.34 -16.08 19.19
N GLU B 63 -12.72 -17.23 18.66
CA GLU B 63 -11.83 -18.37 18.48
C GLU B 63 -10.87 -18.12 17.31
N VAL B 64 -11.43 -17.66 16.20
CA VAL B 64 -10.65 -17.36 15.00
C VAL B 64 -10.99 -15.93 14.58
N PHE B 65 -10.08 -15.00 14.85
CA PHE B 65 -10.27 -13.59 14.52
C PHE B 65 -10.12 -13.27 13.03
N ASN B 66 -11.23 -12.88 12.42
CA ASN B 66 -11.24 -12.49 11.01
C ASN B 66 -11.57 -11.00 11.00
N TYR B 67 -10.55 -10.18 10.79
CA TYR B 67 -10.70 -8.73 10.78
C TYR B 67 -11.89 -8.24 9.96
N GLY B 68 -12.00 -8.70 8.72
CA GLY B 68 -13.10 -8.28 7.87
C GLY B 68 -14.47 -8.57 8.45
N VAL B 69 -14.68 -9.83 8.83
CA VAL B 69 -15.96 -10.25 9.40
C VAL B 69 -16.25 -9.45 10.67
N GLU B 70 -15.24 -9.33 11.53
CA GLU B 70 -15.38 -8.61 12.79
C GLU B 70 -15.72 -7.14 12.66
N THR B 71 -15.00 -6.43 11.78
CA THR B 71 -15.25 -5.01 11.57
C THR B 71 -16.60 -4.77 10.91
N HIS B 72 -16.97 -5.66 10.00
CA HIS B 72 -18.26 -5.56 9.31
C HIS B 72 -19.38 -5.67 10.34
N GLU B 73 -19.21 -6.60 11.27
CA GLU B 73 -20.19 -6.80 12.33
C GLU B 73 -20.17 -5.62 13.28
N ALA B 74 -18.98 -5.18 13.65
CA ALA B 74 -18.80 -4.05 14.56
C ALA B 74 -19.43 -2.78 14.02
N TYR B 75 -19.30 -2.57 12.71
CA TYR B 75 -19.87 -1.38 12.08
C TYR B 75 -21.38 -1.38 12.25
N LYS B 76 -22.00 -2.53 12.01
CA LYS B 76 -23.45 -2.65 12.13
C LYS B 76 -23.88 -2.54 13.60
N GLN B 77 -23.06 -3.05 14.50
CA GLN B 77 -23.36 -3.02 15.93
C GLN B 77 -22.88 -1.73 16.60
N ARG B 78 -22.36 -0.81 15.80
CA ARG B 78 -21.85 0.47 16.30
C ARG B 78 -20.76 0.29 17.36
N SER B 79 -19.97 -0.77 17.18
CA SER B 79 -18.91 -1.09 18.12
C SER B 79 -17.50 -0.98 17.54
N LEU B 80 -17.31 -0.07 16.59
CA LEU B 80 -16.00 0.15 15.99
C LEU B 80 -15.23 1.14 16.85
N ALA B 81 -13.91 1.15 16.71
CA ALA B 81 -13.09 2.08 17.48
C ALA B 81 -13.46 3.51 17.09
N SER B 82 -13.44 4.42 18.06
CA SER B 82 -13.79 5.82 17.84
C SER B 82 -13.06 6.51 16.68
N ASP B 83 -11.74 6.39 16.64
CA ASP B 83 -10.94 7.00 15.57
C ASP B 83 -11.39 6.55 14.19
N ILE B 84 -11.91 5.33 14.09
CA ILE B 84 -12.39 4.81 12.83
C ILE B 84 -13.67 5.54 12.44
N THR B 85 -14.63 5.57 13.37
CA THR B 85 -15.91 6.21 13.15
C THR B 85 -15.81 7.71 12.87
N ASP B 86 -14.83 8.37 13.47
CA ASP B 86 -14.61 9.80 13.25
C ASP B 86 -14.36 10.07 11.78
N GLU B 87 -13.45 9.30 11.19
CA GLU B 87 -13.11 9.45 9.78
C GLU B 87 -14.30 9.10 8.90
N GLN B 88 -15.03 8.06 9.30
CA GLN B 88 -16.20 7.63 8.56
C GLN B 88 -17.26 8.73 8.52
N LYS B 89 -17.28 9.56 9.56
CA LYS B 89 -18.21 10.68 9.66
C LYS B 89 -17.86 11.74 8.61
N LYS B 90 -16.58 12.07 8.56
CA LYS B 90 -16.07 13.07 7.62
C LYS B 90 -16.27 12.62 6.18
N VAL B 91 -16.08 11.33 5.92
CA VAL B 91 -16.26 10.79 4.58
C VAL B 91 -17.73 10.76 4.18
N ARG B 92 -18.58 10.36 5.12
CA ARG B 92 -20.02 10.29 4.90
C ARG B 92 -20.60 11.64 4.50
N GLU B 93 -20.11 12.70 5.14
CA GLU B 93 -20.59 14.04 4.87
C GLU B 93 -19.90 14.72 3.69
N ALA B 94 -18.69 14.30 3.37
CA ALA B 94 -17.94 14.88 2.27
C ALA B 94 -18.59 14.67 0.91
N ASP B 95 -18.29 15.58 -0.01
CA ASP B 95 -18.78 15.50 -1.38
C ASP B 95 -17.56 15.16 -2.23
N LEU B 96 -16.39 15.58 -1.74
CA LEU B 96 -15.13 15.35 -2.39
C LEU B 96 -14.11 14.94 -1.33
N VAL B 97 -13.33 13.91 -1.64
CA VAL B 97 -12.29 13.44 -0.75
C VAL B 97 -10.99 13.56 -1.54
N ILE B 98 -10.07 14.36 -1.02
CA ILE B 98 -8.78 14.55 -1.67
C ILE B 98 -7.73 13.89 -0.81
N PHE B 99 -6.81 13.17 -1.44
CA PHE B 99 -5.73 12.52 -0.72
C PHE B 99 -4.46 13.23 -1.13
N GLN B 100 -3.77 13.82 -0.17
CA GLN B 100 -2.52 14.52 -0.44
C GLN B 100 -1.42 13.66 0.16
N PHE B 101 -0.53 13.15 -0.70
CA PHE B 101 0.54 12.29 -0.23
C PHE B 101 1.70 12.11 -1.19
N PRO B 102 2.90 11.80 -0.63
CA PRO B 102 4.09 11.56 -1.45
C PRO B 102 4.03 10.09 -1.85
N LEU B 103 4.50 9.77 -3.05
CA LEU B 103 4.46 8.39 -3.54
C LEU B 103 5.45 7.54 -2.75
N TYR B 104 4.95 6.51 -2.09
CA TYR B 104 5.78 5.60 -1.31
C TYR B 104 5.68 4.21 -1.92
N TRP B 105 6.76 3.77 -2.56
CA TRP B 105 6.79 2.46 -3.22
C TRP B 105 5.62 2.25 -4.17
N PHE B 106 5.43 3.20 -5.08
CA PHE B 106 4.35 3.16 -6.08
C PHE B 106 2.95 3.10 -5.47
N SER B 107 2.85 3.52 -4.21
CA SER B 107 1.57 3.47 -3.51
C SER B 107 1.53 4.61 -2.49
N VAL B 108 0.61 4.51 -1.53
CA VAL B 108 0.44 5.49 -0.47
C VAL B 108 1.24 5.12 0.77
N PRO B 109 1.70 6.14 1.54
CA PRO B 109 2.46 5.89 2.76
C PRO B 109 1.66 4.97 3.68
N ALA B 110 2.36 4.14 4.45
CA ALA B 110 1.71 3.19 5.36
C ALA B 110 0.58 3.76 6.20
N ILE B 111 0.79 4.95 6.77
CA ILE B 111 -0.24 5.58 7.61
C ILE B 111 -1.53 5.83 6.81
N LEU B 112 -1.38 6.11 5.52
CA LEU B 112 -2.56 6.36 4.68
C LEU B 112 -3.19 5.03 4.27
N LYS B 113 -2.36 4.02 4.03
CA LYS B 113 -2.87 2.70 3.66
C LYS B 113 -3.71 2.17 4.82
N GLY B 114 -3.26 2.46 6.04
CA GLY B 114 -3.98 2.03 7.23
C GLY B 114 -5.33 2.73 7.31
N TRP B 115 -5.36 3.99 6.94
CA TRP B 115 -6.58 4.78 6.94
C TRP B 115 -7.58 4.05 6.04
N MET B 116 -7.14 3.73 4.82
CA MET B 116 -8.00 3.03 3.87
C MET B 116 -8.43 1.64 4.32
N ASP B 117 -7.51 0.91 4.95
CA ASP B 117 -7.79 -0.44 5.45
C ASP B 117 -8.79 -0.48 6.61
N ARG B 118 -8.68 0.48 7.52
CA ARG B 118 -9.53 0.52 8.69
C ARG B 118 -10.81 1.35 8.60
N VAL B 119 -10.76 2.44 7.85
CA VAL B 119 -11.91 3.32 7.70
C VAL B 119 -12.94 2.80 6.69
N LEU B 120 -12.43 2.40 5.51
CA LEU B 120 -13.31 1.91 4.45
C LEU B 120 -13.74 0.45 4.66
N CYS B 121 -14.35 0.18 5.81
CA CYS B 121 -14.79 -1.16 6.14
C CYS B 121 -16.10 -1.55 5.46
N GLN B 122 -16.35 -2.86 5.42
CA GLN B 122 -17.56 -3.40 4.83
C GLN B 122 -18.74 -2.87 5.63
N GLY B 123 -19.85 -2.63 4.95
CA GLY B 123 -21.02 -2.09 5.63
C GLY B 123 -21.03 -0.58 5.50
N PHE B 124 -19.86 0.04 5.53
CA PHE B 124 -19.74 1.47 5.40
C PHE B 124 -19.41 1.88 3.97
N ALA B 125 -18.26 1.44 3.48
CA ALA B 125 -17.81 1.78 2.12
C ALA B 125 -18.27 0.84 1.02
N PHE B 126 -18.65 -0.38 1.36
CA PHE B 126 -19.08 -1.35 0.36
C PHE B 126 -19.80 -2.54 0.98
N ASP B 127 -20.49 -3.29 0.13
CA ASP B 127 -21.22 -4.49 0.55
C ASP B 127 -21.00 -5.56 -0.50
N ILE B 128 -21.42 -6.77 -0.20
CA ILE B 128 -21.28 -7.88 -1.14
C ILE B 128 -22.67 -8.45 -1.35
N PRO B 129 -23.34 -8.07 -2.46
CA PRO B 129 -22.90 -7.16 -3.51
C PRO B 129 -23.05 -5.69 -3.10
N GLY B 130 -22.29 -4.82 -3.75
CA GLY B 130 -22.36 -3.41 -3.43
C GLY B 130 -21.00 -2.77 -3.48
N PHE B 131 -20.32 -2.96 -4.60
CA PHE B 131 -18.99 -2.40 -4.82
C PHE B 131 -18.88 -1.87 -6.25
N TYR B 132 -17.76 -1.25 -6.56
CA TYR B 132 -17.53 -0.65 -7.87
C TYR B 132 -18.65 0.32 -8.22
N ASP B 133 -19.39 0.08 -9.30
CA ASP B 133 -20.47 0.99 -9.68
C ASP B 133 -21.55 1.16 -8.60
N SER B 134 -21.77 0.12 -7.81
CA SER B 134 -22.78 0.17 -6.76
C SER B 134 -22.15 0.25 -5.37
N GLY B 135 -20.95 0.82 -5.29
CA GLY B 135 -20.30 0.95 -4.00
C GLY B 135 -21.12 1.86 -3.12
N LEU B 136 -21.14 1.59 -1.81
CA LEU B 136 -21.92 2.39 -0.88
C LEU B 136 -21.62 3.89 -0.93
N LEU B 137 -20.36 4.25 -1.14
CA LEU B 137 -19.98 5.66 -1.19
C LEU B 137 -20.20 6.26 -2.59
N GLN B 138 -21.11 5.69 -3.35
CA GLN B 138 -21.40 6.20 -4.69
C GLN B 138 -21.96 7.60 -4.62
N GLY B 139 -21.63 8.41 -5.62
CA GLY B 139 -22.11 9.78 -5.64
C GLY B 139 -21.01 10.75 -5.26
N LYS B 140 -20.10 10.31 -4.38
CA LYS B 140 -18.99 11.15 -3.94
C LYS B 140 -17.88 11.13 -4.98
N LEU B 141 -17.02 12.14 -4.91
CA LEU B 141 -15.88 12.25 -5.81
C LEU B 141 -14.61 11.97 -5.04
N ALA B 142 -13.57 11.55 -5.74
CA ALA B 142 -12.29 11.25 -5.12
C ALA B 142 -11.17 11.72 -6.02
N LEU B 143 -10.13 12.28 -5.42
CA LEU B 143 -8.98 12.78 -6.17
C LEU B 143 -7.68 12.49 -5.44
N LEU B 144 -6.68 12.01 -6.17
CA LEU B 144 -5.38 11.70 -5.60
C LEU B 144 -4.35 12.76 -6.00
N SER B 145 -3.81 13.48 -5.02
CA SER B 145 -2.79 14.49 -5.27
C SER B 145 -1.47 13.85 -4.82
N VAL B 146 -0.73 13.33 -5.79
CA VAL B 146 0.52 12.63 -5.54
C VAL B 146 1.77 13.36 -6.00
N THR B 147 2.75 13.48 -5.11
CA THR B 147 4.03 14.08 -5.46
C THR B 147 4.96 12.89 -5.64
N THR B 148 5.93 12.99 -6.55
CA THR B 148 6.85 11.88 -6.80
C THR B 148 8.31 12.27 -6.70
N GLY B 149 9.17 11.26 -6.58
CA GLY B 149 10.60 11.49 -6.51
C GLY B 149 11.16 11.44 -7.91
N GLY B 150 10.57 10.58 -8.76
CA GLY B 150 10.99 10.46 -10.13
C GLY B 150 10.35 11.51 -11.01
N THR B 151 10.93 11.73 -12.18
CA THR B 151 10.44 12.72 -13.13
C THR B 151 9.30 12.21 -13.99
N ALA B 152 8.75 13.08 -14.84
CA ALA B 152 7.65 12.73 -15.72
C ALA B 152 8.07 11.67 -16.74
N GLU B 153 9.26 11.85 -17.31
CA GLU B 153 9.81 10.91 -18.29
C GLU B 153 9.92 9.51 -17.70
N MET B 154 10.33 9.43 -16.43
CA MET B 154 10.47 8.16 -15.73
C MET B 154 9.15 7.42 -15.68
N TYR B 155 8.06 8.18 -15.70
CA TYR B 155 6.72 7.62 -15.64
C TYR B 155 5.96 7.54 -16.96
N THR B 156 6.66 7.15 -18.02
CA THR B 156 6.05 6.98 -19.34
C THR B 156 6.04 5.49 -19.63
N LYS B 157 5.32 5.06 -20.67
CA LYS B 157 5.25 3.64 -21.01
C LYS B 157 6.63 3.02 -21.16
N THR B 158 7.50 3.70 -21.89
CA THR B 158 8.85 3.22 -22.12
C THR B 158 9.81 3.71 -21.03
N GLY B 159 9.27 4.40 -20.03
CA GLY B 159 10.07 4.92 -18.94
C GLY B 159 10.46 3.81 -17.98
N VAL B 160 11.55 4.01 -17.25
CA VAL B 160 12.05 3.02 -16.30
C VAL B 160 11.01 2.64 -15.24
N ASN B 161 10.17 3.59 -14.85
CA ASN B 161 9.14 3.34 -13.83
C ASN B 161 7.79 3.00 -14.46
N GLY B 162 7.74 3.03 -15.78
CA GLY B 162 6.50 2.73 -16.49
C GLY B 162 5.49 3.86 -16.37
N ASP B 163 4.42 3.76 -17.15
CA ASP B 163 3.36 4.78 -17.15
C ASP B 163 2.82 4.99 -15.74
N SER B 164 2.67 6.25 -15.37
CA SER B 164 2.15 6.63 -14.05
C SER B 164 0.79 6.01 -13.74
N ARG B 165 -0.03 5.84 -14.77
CA ARG B 165 -1.36 5.28 -14.58
C ARG B 165 -1.35 3.83 -14.10
N TYR B 166 -0.22 3.15 -14.26
CA TYR B 166 -0.09 1.76 -13.83
C TYR B 166 -0.23 1.60 -12.33
N PHE B 167 0.49 2.40 -11.56
CA PHE B 167 0.41 2.31 -10.11
C PHE B 167 -0.86 2.93 -9.51
N LEU B 168 -1.63 3.61 -10.33
CA LEU B 168 -2.87 4.23 -9.87
C LEU B 168 -4.00 3.21 -9.80
N TRP B 169 -3.82 2.10 -10.51
CA TRP B 169 -4.83 1.03 -10.53
C TRP B 169 -5.33 0.58 -9.15
N PRO B 170 -4.41 0.14 -8.26
CA PRO B 170 -4.86 -0.30 -6.94
C PRO B 170 -5.66 0.77 -6.19
N LEU B 171 -5.12 1.98 -6.15
CA LEU B 171 -5.76 3.10 -5.47
C LEU B 171 -7.08 3.55 -6.10
N GLN B 172 -7.02 3.97 -7.36
CA GLN B 172 -8.20 4.45 -8.08
C GLN B 172 -9.25 3.38 -8.37
N HIS B 173 -8.84 2.24 -8.93
CA HIS B 173 -9.81 1.20 -9.26
C HIS B 173 -10.10 0.24 -8.11
N GLY B 174 -9.05 -0.33 -7.53
CA GLY B 174 -9.22 -1.28 -6.45
C GLY B 174 -9.76 -0.75 -5.14
N THR B 175 -9.46 0.51 -4.82
CA THR B 175 -9.94 1.08 -3.57
C THR B 175 -11.11 2.05 -3.77
N LEU B 176 -10.82 3.20 -4.36
CA LEU B 176 -11.82 4.25 -4.57
C LEU B 176 -13.06 3.84 -5.36
N HIS B 177 -12.89 3.45 -6.61
CA HIS B 177 -14.01 3.04 -7.44
C HIS B 177 -14.75 1.86 -6.81
N PHE B 178 -14.01 0.96 -6.17
CA PHE B 178 -14.60 -0.21 -5.53
C PHE B 178 -15.60 0.20 -4.47
N CYS B 179 -15.36 1.35 -3.83
CA CYS B 179 -16.24 1.87 -2.79
C CYS B 179 -17.35 2.75 -3.34
N GLY B 180 -17.41 2.93 -4.66
CA GLY B 180 -18.44 3.74 -5.27
C GLY B 180 -18.02 5.15 -5.67
N PHE B 181 -16.85 5.58 -5.23
CA PHE B 181 -16.35 6.91 -5.57
C PHE B 181 -16.25 7.13 -7.06
N LYS B 182 -16.35 8.38 -7.47
CA LYS B 182 -16.19 8.76 -8.88
C LYS B 182 -14.80 9.38 -8.85
N VAL B 183 -13.89 8.79 -9.61
CA VAL B 183 -12.51 9.26 -9.63
C VAL B 183 -12.24 10.38 -10.63
N LEU B 184 -11.76 11.50 -10.10
CA LEU B 184 -11.41 12.64 -10.93
C LEU B 184 -9.95 12.43 -11.32
N ALA B 185 -9.54 13.02 -12.43
CA ALA B 185 -8.16 12.89 -12.90
C ALA B 185 -7.18 13.18 -11.76
N PRO B 186 -6.21 12.28 -11.55
CA PRO B 186 -5.23 12.47 -10.47
C PRO B 186 -4.37 13.70 -10.72
N GLN B 187 -3.82 14.23 -9.63
CA GLN B 187 -2.96 15.40 -9.68
C GLN B 187 -1.57 14.89 -9.32
N ILE B 188 -0.68 14.82 -10.30
CA ILE B 188 0.66 14.33 -10.06
C ILE B 188 1.70 15.43 -10.19
N SER B 189 2.28 15.82 -9.06
CA SER B 189 3.31 16.86 -9.03
C SER B 189 4.67 16.16 -9.07
N PHE B 190 5.14 15.90 -10.29
CA PHE B 190 6.41 15.21 -10.52
C PHE B 190 7.70 15.84 -9.98
N ALA B 191 8.50 14.98 -9.35
CA ALA B 191 9.80 15.31 -8.78
C ALA B 191 10.01 16.73 -8.26
N PRO B 192 9.22 17.16 -7.27
CA PRO B 192 9.39 18.52 -6.73
C PRO B 192 10.80 18.79 -6.22
N GLU B 193 11.40 17.79 -5.57
CA GLU B 193 12.74 17.93 -5.02
C GLU B 193 13.80 18.21 -6.09
N ILE B 194 13.53 17.77 -7.31
CA ILE B 194 14.46 17.98 -8.43
C ILE B 194 14.16 19.33 -9.10
N ALA B 195 12.88 19.69 -9.14
CA ALA B 195 12.43 20.94 -9.75
C ALA B 195 12.99 22.20 -9.11
N SER B 196 13.06 23.26 -9.89
CA SER B 196 13.56 24.55 -9.41
C SER B 196 12.44 25.28 -8.68
N GLU B 197 12.80 26.23 -7.83
CA GLU B 197 11.84 27.02 -7.07
C GLU B 197 10.67 27.49 -7.93
N GLU B 198 10.99 27.94 -9.14
CA GLU B 198 9.98 28.42 -10.07
C GLU B 198 9.08 27.28 -10.55
N GLU B 199 9.68 26.17 -10.97
CA GLU B 199 8.90 25.01 -11.43
C GLU B 199 7.98 24.54 -10.31
N ARG B 200 8.49 24.56 -9.08
CA ARG B 200 7.73 24.17 -7.91
C ARG B 200 6.52 25.08 -7.75
N LYS B 201 6.77 26.39 -7.80
CA LYS B 201 5.70 27.38 -7.66
C LYS B 201 4.66 27.16 -8.77
N GLY B 202 5.13 26.73 -9.93
CA GLY B 202 4.24 26.46 -11.04
C GLY B 202 3.36 25.28 -10.72
N MET B 203 3.94 24.26 -10.07
CA MET B 203 3.18 23.07 -9.71
C MET B 203 2.14 23.40 -8.65
N VAL B 204 2.52 24.23 -7.68
CA VAL B 204 1.59 24.64 -6.63
C VAL B 204 0.46 25.48 -7.23
N ALA B 205 0.83 26.41 -8.10
CA ALA B 205 -0.13 27.28 -8.78
C ALA B 205 -1.10 26.45 -9.61
N ALA B 206 -0.57 25.51 -10.37
CA ALA B 206 -1.38 24.64 -11.23
C ALA B 206 -2.46 23.91 -10.43
N TRP B 207 -2.11 23.55 -9.19
CA TRP B 207 -3.03 22.86 -8.29
C TRP B 207 -4.18 23.81 -7.93
N SER B 208 -3.84 24.98 -7.40
CA SER B 208 -4.84 25.98 -7.01
C SER B 208 -5.75 26.32 -8.20
N GLN B 209 -5.11 26.60 -9.33
CA GLN B 209 -5.79 26.94 -10.57
C GLN B 209 -6.83 25.89 -10.94
N ARG B 210 -6.41 24.63 -10.94
CA ARG B 210 -7.29 23.53 -11.27
C ARG B 210 -8.47 23.45 -10.30
N LEU B 211 -8.20 23.67 -9.02
CA LEU B 211 -9.23 23.62 -8.00
C LEU B 211 -10.35 24.64 -8.18
N GLN B 212 -10.04 25.77 -8.80
CA GLN B 212 -11.03 26.81 -9.05
C GLN B 212 -12.21 26.28 -9.84
N THR B 213 -11.95 25.32 -10.73
CA THR B 213 -12.98 24.74 -11.56
C THR B 213 -13.16 23.24 -11.32
N ILE B 214 -12.75 22.80 -10.13
CA ILE B 214 -12.82 21.39 -9.74
C ILE B 214 -14.24 20.81 -9.75
N TRP B 215 -15.23 21.64 -9.46
CA TRP B 215 -16.62 21.18 -9.42
C TRP B 215 -17.30 21.07 -10.79
N LYS B 216 -16.58 21.45 -11.84
CA LYS B 216 -17.12 21.38 -13.19
C LYS B 216 -16.53 20.20 -13.96
N GLU B 217 -15.56 19.54 -13.34
CA GLU B 217 -14.90 18.40 -13.95
C GLU B 217 -15.73 17.14 -14.00
N GLU B 218 -15.44 16.28 -14.97
CA GLU B 218 -16.13 15.01 -15.13
C GLU B 218 -15.16 13.94 -14.69
N PRO B 219 -15.66 12.86 -14.07
CA PRO B 219 -14.79 11.76 -13.63
C PRO B 219 -14.17 10.97 -14.78
N ILE B 220 -12.97 10.44 -14.55
CA ILE B 220 -12.27 9.66 -15.56
C ILE B 220 -12.93 8.29 -15.70
N PRO B 221 -12.76 7.65 -16.87
CA PRO B 221 -13.34 6.32 -17.09
C PRO B 221 -12.45 5.34 -16.34
N CYS B 222 -12.78 5.08 -15.08
CA CYS B 222 -11.96 4.17 -14.28
C CYS B 222 -12.08 2.73 -14.79
N THR B 223 -11.42 2.47 -15.90
CA THR B 223 -11.43 1.15 -16.53
C THR B 223 -9.99 0.68 -16.67
N ALA B 224 -9.82 -0.59 -17.04
CA ALA B 224 -8.49 -1.15 -17.23
C ALA B 224 -7.83 -0.47 -18.43
N HIS B 225 -8.63 -0.12 -19.43
CA HIS B 225 -8.12 0.52 -20.63
C HIS B 225 -7.53 1.91 -20.34
N TRP B 226 -8.15 2.64 -19.43
CA TRP B 226 -7.66 3.97 -19.08
C TRP B 226 -6.27 3.88 -18.44
N HIS B 227 -6.10 2.90 -17.57
CA HIS B 227 -4.84 2.71 -16.86
C HIS B 227 -3.74 2.05 -17.67
N PHE B 228 -4.10 1.06 -18.50
CA PHE B 228 -3.11 0.33 -19.27
C PHE B 228 -3.09 0.59 -20.78
N GLY B 229 -4.20 1.09 -21.32
CA GLY B 229 -4.29 1.42 -22.73
C GLY B 229 -3.97 0.39 -23.79
N GLN B 230 -4.77 -0.69 -23.83
CA GLN B 230 -4.59 -1.75 -24.82
C GLN B 230 -5.16 -1.31 -26.17
ZN ZN C . 10.36 -5.61 -12.39
PA FAD D . -9.40 -17.16 6.65
O1A FAD D . -10.51 -16.22 6.94
O2A FAD D . -8.54 -17.57 7.78
O5B FAD D . -10.09 -18.39 5.93
C5B FAD D . -9.47 -19.64 5.80
C4B FAD D . -10.52 -20.67 6.18
O4B FAD D . -9.82 -21.94 6.27
C3B FAD D . -11.15 -20.53 7.56
O3B FAD D . -12.36 -21.26 7.74
C2B FAD D . -9.94 -21.01 8.37
O2B FAD D . -10.22 -21.05 9.76
C1B FAD D . -9.73 -22.34 7.64
N9A FAD D . -8.37 -22.90 7.74
C8A FAD D . -7.36 -22.48 8.58
N7A FAD D . -6.24 -23.13 8.43
C5A FAD D . -6.50 -24.05 7.43
C6A FAD D . -5.73 -25.04 6.80
N6A FAD D . -4.44 -25.27 7.08
N1A FAD D . -6.31 -25.82 5.84
C2A FAD D . -7.60 -25.60 5.53
N3A FAD D . -8.42 -24.68 6.05
C4A FAD D . -7.82 -23.93 7.00
N1 FAD D . -10.02 -9.32 -1.03
C2 FAD D . -9.69 -9.20 -2.36
O2 FAD D . -9.91 -10.08 -3.18
N3 FAD D . -9.11 -8.01 -2.69
C4 FAD D . -8.86 -6.95 -1.83
O4 FAD D . -8.30 -5.96 -2.29
C4X FAD D . -9.26 -7.18 -0.49
N5 FAD D . -9.11 -6.09 0.34
C5X FAD D . -9.43 -6.24 1.67
C6 FAD D . -9.22 -5.18 2.51
C7 FAD D . -9.41 -5.35 3.86
C7M FAD D . -9.08 -4.18 4.78
C8 FAD D . -9.86 -6.57 4.37
C8M FAD D . -10.04 -6.81 5.89
C9 FAD D . -10.11 -7.60 3.52
C9A FAD D . -9.88 -7.46 2.17
N10 FAD D . -10.07 -8.54 1.31
C10 FAD D . -9.84 -8.37 -0.04
C1' FAD D . -10.25 -9.80 1.76
C2' FAD D . -8.96 -10.56 2.15
O2' FAD D . -8.11 -10.63 0.99
C3' FAD D . -9.34 -11.96 2.61
O3' FAD D . -10.22 -11.86 3.75
C4' FAD D . -8.15 -12.87 3.01
O4' FAD D . -7.22 -13.10 1.95
C5' FAD D . -8.62 -14.25 3.40
O5' FAD D . -7.47 -14.89 3.95
P FAD D . -7.42 -15.34 5.47
O1P FAD D . -7.88 -14.28 6.40
O2P FAD D . -6.06 -15.87 5.76
O3P FAD D . -8.45 -16.57 5.52
ZN ZN E . -12.18 1.73 -11.75
PA FAD F . 10.00 18.06 -0.42
O1A FAD F . 11.11 17.15 -0.03
O2A FAD F . 9.39 18.97 0.57
O5B FAD F . 10.57 18.91 -1.63
C5B FAD F . 9.92 20.09 -2.05
C4B FAD F . 10.91 21.23 -2.11
O4B FAD F . 10.03 22.38 -2.35
C3B FAD F . 11.68 21.67 -0.86
O3B FAD F . 12.82 22.46 -1.20
C2B FAD F . 10.56 22.38 -0.10
O2B FAD F . 10.91 23.11 1.06
C1B FAD F . 10.09 23.27 -1.25
N9A FAD F . 8.70 23.79 -1.13
C8A FAD F . 7.76 23.46 -0.19
N7A FAD F . 6.62 24.07 -0.35
C5A FAD F . 6.81 24.86 -1.47
C6A FAD F . 5.97 25.76 -2.17
N6A FAD F . 4.70 26.01 -1.84
N1A FAD F . 6.49 26.42 -3.23
C2A FAD F . 7.75 26.18 -3.60
N3A FAD F . 8.63 25.35 -3.03
C4A FAD F . 8.10 24.71 -1.96
N1 FAD F . 9.32 8.50 -5.48
C2 FAD F . 8.78 7.97 -6.64
O2 FAD F . 8.77 8.60 -7.70
N3 FAD F . 8.28 6.68 -6.51
C4 FAD F . 8.28 5.93 -5.34
O4 FAD F . 7.78 4.78 -5.35
C4X FAD F . 8.87 6.59 -4.21
N5 FAD F . 8.81 5.89 -3.02
C5X FAD F . 9.33 6.44 -1.88
C6 FAD F . 9.25 5.72 -0.72
C7 FAD F . 9.69 6.29 0.45
C7M FAD F . 9.50 5.53 1.77
C8 FAD F . 10.28 7.55 0.44
C8M FAD F . 10.75 8.22 1.73
C9 FAD F . 10.43 8.22 -0.74
C9A FAD F . 9.92 7.70 -1.90
N10 FAD F . 9.96 8.41 -3.10
C10 FAD F . 9.40 7.88 -4.24
C1' FAD F . 10.13 9.74 -3.10
C2' FAD F . 8.84 10.57 -2.79
O2' FAD F . 7.88 10.38 -3.85
C3' FAD F . 9.24 12.05 -2.68
O3' FAD F . 10.21 12.21 -1.62
C4' FAD F . 8.08 13.01 -2.41
O4' FAD F . 7.07 12.89 -3.41
C5' FAD F . 8.56 14.49 -2.41
O5' FAD F . 7.55 15.35 -1.89
P FAD F . 7.79 16.13 -0.53
O1P FAD F . 8.39 15.26 0.51
O2P FAD F . 6.51 16.76 -0.15
O3P FAD F . 8.81 17.23 -1.04
C1K VK3 G . 12.25 7.11 -7.54
O1K VK3 G . 12.22 7.49 -8.72
C2K VK3 G . 11.75 5.78 -7.26
C3K VK3 G . 11.73 5.32 -5.98
C4K VK3 G . 12.25 6.11 -4.87
O4K VK3 G . 12.17 5.56 -3.76
C5K VK3 G . 12.83 7.38 -5.17
C6K VK3 G . 13.43 8.08 -4.17
C7K VK3 G . 14.03 9.27 -4.44
C8K VK3 G . 14.05 9.75 -5.71
C9K VK3 G . 13.47 9.06 -6.74
C10 VK3 G . 12.86 7.86 -6.47
C11 VK3 G . 11.14 3.93 -5.71
C1K VK3 H . -13.24 -8.73 -2.76
O1K VK3 H . -13.46 -9.55 -3.65
C2K VK3 H . -12.73 -7.42 -3.19
C3K VK3 H . -12.43 -6.45 -2.26
C4K VK3 H . -12.69 -6.67 -0.82
O4K VK3 H . -12.38 -5.72 -0.08
C5K VK3 H . -13.30 -7.93 -0.43
C6K VK3 H . -13.64 -8.10 0.88
C7K VK3 H . -14.26 -9.27 1.25
C8K VK3 H . -14.55 -10.25 0.33
C9K VK3 H . -14.22 -10.08 -0.97
C10 VK3 H . -13.61 -8.92 -1.38
C11 VK3 H . -11.82 -5.11 -2.72
#